data_2PE7
#
_entry.id   2PE7
#
_cell.length_a   57.550
_cell.length_b   57.550
_cell.length_c   149.400
_cell.angle_alpha   90.00
_cell.angle_beta   90.00
_cell.angle_gamma   90.00
#
_symmetry.space_group_name_H-M   'P 41 21 2'
#
loop_
_entity.id
_entity.type
_entity.pdbx_description
1 polymer 'Preprothaumatin I'
2 non-polymer 'EUROPIUM ION'
3 non-polymer 'L(+)-TARTARIC ACID'
4 non-polymer 'PYRIDINE-2,6-DICARBOXYLIC ACID'
5 water water
#
_entity_poly.entity_id   1
_entity_poly.type   'polypeptide(L)'
_entity_poly.pdbx_seq_one_letter_code
;ATFEIVNRCSYTVWAAASKGDAALDAGGRQLNSGESWTINVEPGTNGGKIWARTDCYFDDSGSGICKTGDCGGLLRCKRF
GRPPTTLAEFSLNQYGKDYIDISNIKGFNVPMDFSPTTRGCRGVRCAADIVGQCPAKLKAPGGGCNDACTVFQTSEYCCT
TGKCGPTEYSRFFKRLCPDAFSYVLDKPTTVTCPGSSNYRVTFCPTA
;
_entity_poly.pdbx_strand_id   A
#
# COMPACT_ATOMS: atom_id res chain seq x y z
N ALA A 1 -6.42 5.83 -16.57
CA ALA A 1 -6.26 6.75 -15.41
C ALA A 1 -4.79 6.95 -15.16
N THR A 2 -4.42 8.14 -14.70
CA THR A 2 -3.05 8.40 -14.34
C THR A 2 -2.92 8.44 -12.84
N PHE A 3 -1.83 7.83 -12.37
CA PHE A 3 -1.45 7.90 -10.98
C PHE A 3 -0.04 8.50 -10.95
N GLU A 4 0.08 9.67 -10.34
CA GLU A 4 1.36 10.32 -10.13
CA GLU A 4 1.39 10.28 -10.14
C GLU A 4 1.87 9.82 -8.79
N ILE A 5 2.99 9.10 -8.82
CA ILE A 5 3.59 8.50 -7.64
C ILE A 5 4.78 9.38 -7.27
N VAL A 6 4.73 9.96 -6.06
CA VAL A 6 5.73 10.94 -5.63
C VAL A 6 6.42 10.45 -4.37
N ASN A 7 7.74 10.42 -4.39
CA ASN A 7 8.48 10.02 -3.21
C ASN A 7 8.96 11.26 -2.44
N ARG A 8 8.27 11.63 -1.37
CA ARG A 8 8.71 12.72 -0.50
C ARG A 8 9.61 12.23 0.65
N CYS A 9 9.81 10.92 0.74
CA CYS A 9 10.71 10.39 1.75
C CYS A 9 12.14 10.87 1.51
N SER A 10 12.92 10.89 2.58
CA SER A 10 14.32 11.27 2.49
C SER A 10 15.19 10.15 1.92
N TYR A 11 14.61 8.96 1.81
CA TYR A 11 15.26 7.77 1.30
C TYR A 11 14.62 7.33 -0.02
N THR A 12 15.42 6.63 -0.84
CA THR A 12 14.92 6.07 -2.09
C THR A 12 13.90 4.99 -1.77
N VAL A 13 12.83 4.97 -2.56
CA VAL A 13 11.93 3.84 -2.59
C VAL A 13 11.82 3.31 -4.01
N TRP A 14 11.40 2.06 -4.12
CA TRP A 14 11.12 1.43 -5.39
C TRP A 14 9.61 1.22 -5.43
N ALA A 15 8.94 2.08 -6.17
CA ALA A 15 7.51 2.02 -6.28
C ALA A 15 7.12 0.75 -7.06
N ALA A 16 5.94 0.25 -6.76
CA ALA A 16 5.42 -0.93 -7.40
C ALA A 16 3.95 -0.77 -7.67
N ALA A 17 3.46 -1.37 -8.74
CA ALA A 17 2.07 -1.26 -9.11
C ALA A 17 1.64 -2.54 -9.80
N SER A 18 0.59 -3.17 -9.27
CA SER A 18 0.15 -4.46 -9.77
C SER A 18 -1.33 -4.68 -9.47
N LYS A 19 -1.97 -5.55 -10.23
CA LYS A 19 -3.29 -6.03 -9.87
C LYS A 19 -3.28 -7.50 -9.47
N GLY A 20 -2.10 -8.03 -9.16
CA GLY A 20 -1.98 -9.34 -8.55
C GLY A 20 -1.55 -10.40 -9.54
N ASP A 21 -2.13 -10.35 -10.73
CA ASP A 21 -1.82 -11.31 -11.78
C ASP A 21 -1.17 -10.61 -12.97
N ALA A 22 -0.78 -9.35 -12.80
CA ALA A 22 -0.14 -8.58 -13.85
C ALA A 22 0.38 -7.26 -13.30
N ALA A 23 1.38 -6.72 -13.95
CA ALA A 23 1.86 -5.36 -13.68
C ALA A 23 0.80 -4.35 -14.08
N LEU A 24 0.84 -3.20 -13.43
CA LEU A 24 0.15 -2.01 -13.94
C LEU A 24 1.27 -1.13 -14.49
N ASP A 25 1.10 -0.67 -15.72
CA ASP A 25 2.16 0.10 -16.39
C ASP A 25 3.42 -0.78 -16.38
N ALA A 26 4.58 -0.22 -16.11
CA ALA A 26 5.82 -0.97 -16.05
C ALA A 26 5.91 -1.85 -14.81
N GLY A 27 5.02 -1.67 -13.84
CA GLY A 27 5.03 -2.50 -12.62
C GLY A 27 5.92 -2.04 -11.49
N GLY A 28 6.98 -1.31 -11.79
CA GLY A 28 7.89 -0.86 -10.73
C GLY A 28 8.94 0.07 -11.29
N ARG A 29 9.48 0.93 -10.43
CA ARG A 29 10.53 1.85 -10.80
C ARG A 29 11.17 2.43 -9.55
N GLN A 30 12.45 2.77 -9.66
CA GLN A 30 13.14 3.48 -8.61
C GLN A 30 12.65 4.93 -8.54
N LEU A 31 12.38 5.41 -7.33
CA LEU A 31 12.11 6.84 -7.07
C LEU A 31 13.07 7.32 -5.98
N ASN A 32 14.08 8.09 -6.38
CA ASN A 32 14.89 8.78 -5.40
C ASN A 32 14.05 9.83 -4.68
N SER A 33 14.60 10.35 -3.59
CA SER A 33 13.90 11.34 -2.79
C SER A 33 13.55 12.55 -3.63
N GLY A 34 12.26 12.84 -3.71
CA GLY A 34 11.72 13.94 -4.49
C GLY A 34 11.21 13.61 -5.87
N GLU A 35 11.56 12.42 -6.39
CA GLU A 35 11.17 12.05 -7.73
C GLU A 35 9.71 11.67 -7.83
N SER A 36 9.18 11.89 -9.04
CA SER A 36 7.80 11.56 -9.37
C SER A 36 7.79 10.69 -10.62
N TRP A 37 6.89 9.72 -10.63
CA TRP A 37 6.71 8.74 -11.68
C TRP A 37 5.24 8.64 -11.95
N THR A 38 4.82 9.00 -13.17
CA THR A 38 3.40 8.94 -13.52
C THR A 38 3.16 7.71 -14.35
N ILE A 39 2.23 6.88 -13.89
CA ILE A 39 1.84 5.67 -14.58
C ILE A 39 0.42 5.77 -15.10
N ASN A 40 0.17 4.95 -16.12
CA ASN A 40 -1.15 4.77 -16.68
C ASN A 40 -1.73 3.44 -16.25
N VAL A 41 -2.92 3.51 -15.67
CA VAL A 41 -3.62 2.33 -15.21
C VAL A 41 -4.88 2.20 -16.08
N GLU A 42 -5.10 1.02 -16.64
CA GLU A 42 -6.22 0.85 -17.56
C GLU A 42 -7.54 1.07 -16.81
N PRO A 43 -8.49 1.78 -17.43
CA PRO A 43 -9.83 1.86 -16.88
C PRO A 43 -10.40 0.47 -16.58
N GLY A 44 -11.19 0.38 -15.53
CA GLY A 44 -11.77 -0.89 -15.12
C GLY A 44 -10.85 -1.78 -14.29
N THR A 45 -9.62 -1.33 -14.03
CA THR A 45 -8.73 -2.11 -13.20
C THR A 45 -9.36 -2.35 -11.83
N ASN A 46 -9.52 -3.62 -11.48
CA ASN A 46 -10.15 -3.99 -10.24
C ASN A 46 -9.11 -4.63 -9.33
N GLY A 47 -9.03 -4.18 -8.09
CA GLY A 47 -8.08 -4.73 -7.16
C GLY A 47 -6.64 -4.39 -7.44
N GLY A 48 -6.39 -3.18 -7.91
CA GLY A 48 -5.04 -2.71 -8.11
C GLY A 48 -4.45 -2.21 -6.80
N LYS A 49 -3.13 -2.23 -6.75
CA LYS A 49 -2.40 -1.76 -5.58
C LYS A 49 -1.11 -1.10 -6.01
N ILE A 50 -0.76 -0.06 -5.26
CA ILE A 50 0.51 0.61 -5.36
C ILE A 50 1.13 0.59 -3.96
N TRP A 51 2.43 0.32 -3.93
CA TRP A 51 3.18 0.32 -2.69
C TRP A 51 4.64 0.74 -2.91
N ALA A 52 5.32 1.00 -1.79
CA ALA A 52 6.74 1.27 -1.81
C ALA A 52 7.50 0.05 -1.36
N ARG A 53 8.69 -0.08 -1.91
CA ARG A 53 9.66 -1.08 -1.47
C ARG A 53 10.91 -0.34 -1.01
N THR A 54 11.55 -0.86 0.04
CA THR A 54 12.72 -0.22 0.61
C THR A 54 13.94 -1.15 0.59
N ASP A 55 15.11 -0.53 0.54
CA ASP A 55 16.40 -1.24 0.55
C ASP A 55 16.44 -2.37 -0.48
N CYS A 56 16.34 -1.95 -1.73
CA CYS A 56 16.35 -2.86 -2.88
C CYS A 56 17.72 -2.90 -3.54
N TYR A 57 18.03 -4.06 -4.10
CA TYR A 57 19.17 -4.26 -5.00
C TYR A 57 18.62 -4.92 -6.24
N PHE A 58 18.97 -4.39 -7.41
CA PHE A 58 18.61 -5.03 -8.68
C PHE A 58 19.82 -5.05 -9.59
N ASP A 59 19.97 -6.15 -10.31
CA ASP A 59 21.07 -6.28 -11.27
C ASP A 59 20.63 -5.64 -12.58
N ASP A 60 21.46 -5.76 -13.61
CA ASP A 60 21.19 -5.11 -14.88
C ASP A 60 19.98 -5.69 -15.63
N SER A 61 19.55 -6.91 -15.25
CA SER A 61 18.36 -7.54 -15.83
C SER A 61 17.08 -7.21 -15.07
N GLY A 62 17.21 -6.47 -13.98
CA GLY A 62 16.04 -6.08 -13.17
C GLY A 62 15.64 -7.12 -12.15
N SER A 63 16.61 -7.94 -11.72
CA SER A 63 16.37 -9.01 -10.75
C SER A 63 17.18 -8.75 -9.51
N GLY A 64 16.58 -8.97 -8.32
CA GLY A 64 17.31 -8.78 -7.10
C GLY A 64 16.42 -9.05 -5.90
N ILE A 65 16.44 -8.13 -4.93
CA ILE A 65 15.65 -8.29 -3.72
C ILE A 65 15.46 -6.94 -3.05
N CYS A 66 14.32 -6.80 -2.37
CA CYS A 66 14.07 -5.65 -1.48
C CYS A 66 13.79 -6.13 -0.08
N LYS A 67 14.24 -5.39 0.92
CA LYS A 67 14.00 -5.77 2.32
C LYS A 67 12.53 -5.68 2.72
N THR A 68 11.78 -4.74 2.12
CA THR A 68 10.34 -4.74 2.25
C THR A 68 9.64 -4.67 0.89
N GLY A 69 8.52 -5.38 0.79
CA GLY A 69 7.65 -5.32 -0.36
C GLY A 69 8.19 -5.98 -1.62
N ASP A 70 9.20 -6.84 -1.48
CA ASP A 70 9.78 -7.55 -2.66
C ASP A 70 8.69 -8.30 -3.42
N CYS A 71 8.67 -8.18 -4.75
CA CYS A 71 7.70 -8.88 -5.57
C CYS A 71 8.43 -9.97 -6.40
N GLY A 72 8.81 -11.05 -5.75
CA GLY A 72 9.51 -12.13 -6.46
C GLY A 72 10.82 -11.69 -7.09
N GLY A 73 11.46 -10.70 -6.48
CA GLY A 73 12.78 -10.24 -6.87
C GLY A 73 12.84 -9.42 -8.13
N LEU A 74 11.68 -8.96 -8.61
CA LEU A 74 11.66 -8.18 -9.85
C LEU A 74 11.62 -6.69 -9.56
N LEU A 75 12.33 -5.90 -10.36
CA LEU A 75 12.12 -4.44 -10.37
C LEU A 75 10.73 -4.10 -10.87
N ARG A 76 10.35 -4.69 -11.99
CA ARG A 76 9.07 -4.44 -12.60
C ARG A 76 8.10 -5.49 -12.11
N CYS A 77 7.38 -5.15 -11.03
CA CYS A 77 6.50 -6.11 -10.38
C CYS A 77 5.37 -6.55 -11.29
N LYS A 78 5.14 -7.86 -11.32
CA LYS A 78 3.96 -8.45 -11.96
C LYS A 78 2.97 -8.95 -10.91
N ARG A 79 3.44 -9.15 -9.68
CA ARG A 79 2.62 -9.69 -8.60
C ARG A 79 2.71 -8.74 -7.41
N PHE A 80 1.88 -9.00 -6.40
CA PHE A 80 1.94 -8.22 -5.16
C PHE A 80 3.25 -8.47 -4.41
N GLY A 81 3.53 -7.61 -3.43
CA GLY A 81 4.81 -7.64 -2.73
C GLY A 81 4.74 -8.31 -1.38
N ARG A 82 5.90 -8.70 -0.90
CA ARG A 82 6.02 -9.39 0.38
C ARG A 82 5.71 -8.40 1.54
N PRO A 83 4.76 -8.72 2.42
CA PRO A 83 4.57 -7.87 3.58
C PRO A 83 5.85 -7.75 4.40
N PRO A 84 6.02 -6.66 5.13
CA PRO A 84 5.05 -5.58 5.37
C PRO A 84 5.04 -4.53 4.28
N THR A 85 3.85 -4.16 3.82
CA THR A 85 3.67 -3.15 2.78
C THR A 85 2.44 -2.30 3.03
N THR A 86 2.61 -1.00 3.24
CA THR A 86 1.47 -0.10 3.27
C THR A 86 0.88 -0.12 1.86
N LEU A 87 -0.45 -0.27 1.73
CA LEU A 87 -1.07 -0.41 0.41
C LEU A 87 -2.04 0.71 0.04
N ALA A 88 -1.82 1.29 -1.12
CA ALA A 88 -2.80 2.13 -1.80
C ALA A 88 -3.59 1.21 -2.71
N GLU A 89 -4.89 1.11 -2.45
CA GLU A 89 -5.73 0.13 -3.11
C GLU A 89 -6.83 0.81 -3.88
N PHE A 90 -7.14 0.31 -5.06
CA PHE A 90 -8.12 0.97 -5.92
C PHE A 90 -8.78 -0.01 -6.88
N SER A 91 -10.06 0.26 -7.11
CA SER A 91 -10.83 -0.40 -8.15
C SER A 91 -11.55 0.68 -8.95
N LEU A 92 -11.29 0.71 -10.26
CA LEU A 92 -11.68 1.83 -11.08
C LEU A 92 -12.85 1.47 -11.99
N ASN A 93 -13.72 2.44 -12.24
CA ASN A 93 -14.84 2.27 -13.17
C ASN A 93 -15.67 1.05 -12.81
N GLN A 94 -16.02 0.95 -11.54
CA GLN A 94 -16.89 -0.10 -11.05
C GLN A 94 -18.30 0.48 -10.99
N TYR A 95 -19.09 0.17 -11.99
CA TYR A 95 -20.44 0.70 -12.13
C TYR A 95 -20.52 2.24 -11.99
N GLY A 96 -19.61 2.96 -12.66
CA GLY A 96 -19.68 4.41 -12.73
C GLY A 96 -18.80 5.19 -11.75
N LYS A 97 -18.17 4.48 -10.82
CA LYS A 97 -17.39 5.12 -9.79
C LYS A 97 -16.07 4.38 -9.58
N ASP A 98 -15.12 5.11 -9.00
CA ASP A 98 -13.87 4.52 -8.53
C ASP A 98 -13.94 4.38 -7.01
N TYR A 99 -13.14 3.46 -6.48
CA TYR A 99 -13.12 3.21 -5.06
C TYR A 99 -11.67 3.14 -4.60
N ILE A 100 -11.30 3.95 -3.62
CA ILE A 100 -9.90 3.95 -3.13
C ILE A 100 -9.81 3.77 -1.63
N ASP A 101 -8.71 3.17 -1.18
CA ASP A 101 -8.43 3.11 0.25
C ASP A 101 -6.95 2.94 0.50
N ILE A 102 -6.56 3.13 1.76
CA ILE A 102 -5.28 2.63 2.20
C ILE A 102 -5.53 1.49 3.17
N SER A 103 -4.64 0.51 3.14
CA SER A 103 -4.75 -0.67 3.98
C SER A 103 -3.43 -1.01 4.66
N ASN A 104 -3.56 -1.35 5.94
CA ASN A 104 -2.50 -1.91 6.76
C ASN A 104 -2.71 -3.42 7.03
N ILE A 105 -3.62 -4.03 6.27
CA ILE A 105 -3.94 -5.45 6.45
C ILE A 105 -2.70 -6.35 6.17
N LYS A 106 -1.82 -5.86 5.29
CA LYS A 106 -0.57 -6.53 4.95
C LYS A 106 0.61 -5.77 5.56
N GLY A 107 0.37 -5.11 6.69
CA GLY A 107 1.39 -4.40 7.43
C GLY A 107 1.69 -3.03 6.83
N PHE A 108 2.73 -2.41 7.38
CA PHE A 108 3.12 -1.04 7.07
C PHE A 108 4.62 -0.99 6.92
N ASN A 109 5.07 -0.29 5.88
CA ASN A 109 6.48 -0.04 5.71
C ASN A 109 6.82 1.44 5.54
N VAL A 110 6.05 2.11 4.69
CA VAL A 110 6.30 3.53 4.36
C VAL A 110 4.99 4.30 4.47
N PRO A 111 5.01 5.49 5.06
CA PRO A 111 3.79 6.29 5.18
C PRO A 111 3.34 6.77 3.81
N MET A 112 2.03 6.91 3.63
N MET A 112 2.04 7.04 3.69
CA MET A 112 1.51 7.35 2.32
CA MET A 112 1.41 7.24 2.40
C MET A 112 0.20 8.12 2.39
C MET A 112 0.23 8.22 2.48
N ASP A 113 0.08 9.05 1.44
CA ASP A 113 -1.14 9.77 1.14
C ASP A 113 -1.60 9.30 -0.24
N PHE A 114 -2.91 9.04 -0.38
CA PHE A 114 -3.47 8.58 -1.63
C PHE A 114 -4.68 9.48 -1.87
N SER A 115 -4.54 10.44 -2.80
CA SER A 115 -5.57 11.44 -3.03
C SER A 115 -5.90 11.55 -4.49
N PRO A 116 -7.14 11.97 -4.77
CA PRO A 116 -7.47 12.31 -6.16
C PRO A 116 -6.80 13.62 -6.56
N THR A 117 -6.47 13.74 -7.84
CA THR A 117 -5.97 14.98 -8.41
C THR A 117 -7.05 15.67 -9.21
N THR A 118 -8.21 15.01 -9.30
CA THR A 118 -9.38 15.54 -9.99
C THR A 118 -10.52 15.72 -8.97
N ARG A 119 -11.63 16.29 -9.40
CA ARG A 119 -12.67 16.73 -8.47
C ARG A 119 -13.52 15.59 -7.91
N GLY A 120 -14.13 15.82 -6.75
CA GLY A 120 -15.33 15.08 -6.38
C GLY A 120 -15.21 14.07 -5.26
N CYS A 121 -14.06 14.03 -4.60
CA CYS A 121 -13.87 13.15 -3.43
C CYS A 121 -12.61 13.55 -2.67
N ARG A 122 -12.47 13.01 -1.47
CA ARG A 122 -11.35 13.28 -0.60
C ARG A 122 -10.29 12.21 -0.77
N GLY A 123 -9.11 12.53 -0.27
CA GLY A 123 -8.06 11.53 -0.18
C GLY A 123 -8.06 10.83 1.17
N VAL A 124 -7.16 9.85 1.26
CA VAL A 124 -6.94 9.10 2.49
C VAL A 124 -5.43 9.12 2.79
N ARG A 125 -5.07 8.99 4.07
CA ARG A 125 -3.69 9.08 4.48
C ARG A 125 -3.40 8.18 5.66
N CYS A 126 -2.23 7.55 5.65
CA CYS A 126 -1.67 6.90 6.82
C CYS A 126 -0.21 7.34 6.90
N ALA A 127 0.02 8.37 7.71
CA ALA A 127 1.32 9.03 7.76
C ALA A 127 2.02 8.97 9.10
N ALA A 128 1.45 8.23 10.04
CA ALA A 128 1.98 8.14 11.40
C ALA A 128 3.20 7.26 11.37
N ASP A 129 4.00 7.36 12.43
CA ASP A 129 5.24 6.61 12.55
C ASP A 129 4.96 5.19 13.05
N ILE A 130 4.31 4.40 12.21
CA ILE A 130 3.96 3.04 12.60
C ILE A 130 5.19 2.16 12.80
N VAL A 131 6.24 2.36 12.00
CA VAL A 131 7.41 1.53 12.17
C VAL A 131 8.04 1.83 13.53
N GLY A 132 8.17 3.12 13.86
CA GLY A 132 8.79 3.52 15.12
C GLY A 132 8.02 3.02 16.32
N GLN A 133 6.70 3.03 16.21
CA GLN A 133 5.83 2.67 17.35
C GLN A 133 5.40 1.20 17.37
N CYS A 134 5.81 0.46 16.34
CA CYS A 134 5.36 -0.92 16.13
C CYS A 134 5.52 -1.79 17.37
N PRO A 135 4.48 -2.57 17.73
CA PRO A 135 4.66 -3.55 18.78
C PRO A 135 5.83 -4.47 18.53
N ALA A 136 6.58 -4.80 19.57
CA ALA A 136 7.77 -5.64 19.41
C ALA A 136 7.50 -6.92 18.63
N LYS A 137 6.37 -7.57 18.92
CA LYS A 137 6.09 -8.84 18.31
C LYS A 137 5.74 -8.74 16.82
N LEU A 138 5.45 -7.53 16.32
CA LEU A 138 5.13 -7.32 14.92
C LEU A 138 6.29 -6.74 14.13
N LYS A 139 7.34 -6.28 14.81
CA LYS A 139 8.43 -5.60 14.13
C LYS A 139 9.13 -6.52 13.15
N ALA A 140 9.34 -6.02 11.94
CA ALA A 140 10.10 -6.74 10.92
C ALA A 140 11.55 -6.20 10.95
N PRO A 141 12.55 -7.08 11.14
CA PRO A 141 13.96 -6.61 11.23
C PRO A 141 14.39 -5.80 10.03
N GLY A 142 14.10 -6.31 8.84
CA GLY A 142 14.52 -5.72 7.56
C GLY A 142 13.81 -4.42 7.27
N GLY A 143 12.81 -4.15 8.12
CA GLY A 143 12.15 -2.90 8.16
C GLY A 143 10.66 -3.19 8.24
N GLY A 144 9.93 -2.30 8.88
CA GLY A 144 8.49 -2.33 8.76
C GLY A 144 7.81 -2.95 9.96
N CYS A 145 6.49 -2.96 9.89
CA CYS A 145 5.64 -3.44 10.98
C CYS A 145 4.64 -4.40 10.37
N ASN A 146 4.84 -5.69 10.66
CA ASN A 146 3.99 -6.73 10.10
C ASN A 146 2.58 -6.70 10.68
N ASP A 147 1.63 -7.09 9.85
CA ASP A 147 0.30 -7.40 10.33
C ASP A 147 0.33 -8.71 11.09
N ALA A 148 -0.65 -8.87 11.97
CA ALA A 148 -0.70 -10.04 12.85
C ALA A 148 -0.94 -11.35 12.12
N CYS A 149 -1.66 -11.30 10.99
CA CYS A 149 -1.90 -12.51 10.20
C CYS A 149 -0.59 -13.08 9.68
N THR A 150 0.23 -12.21 9.09
CA THR A 150 1.53 -12.62 8.59
C THR A 150 2.37 -13.25 9.70
N VAL A 151 2.36 -12.62 10.86
CA VAL A 151 3.21 -13.11 11.94
C VAL A 151 2.72 -14.43 12.55
N PHE A 152 1.42 -14.50 12.83
CA PHE A 152 0.89 -15.58 13.67
C PHE A 152 0.07 -16.64 12.94
N GLN A 153 -0.48 -16.32 11.77
CA GLN A 153 -1.20 -17.30 10.93
C GLN A 153 -2.32 -18.01 11.69
N THR A 154 -3.15 -17.21 12.36
CA THR A 154 -4.36 -17.72 13.01
C THR A 154 -5.61 -17.33 12.25
N SER A 155 -6.67 -18.09 12.44
CA SER A 155 -7.94 -17.76 11.80
C SER A 155 -8.43 -16.38 12.27
N GLU A 156 -8.16 -16.02 13.52
CA GLU A 156 -8.67 -14.74 14.04
C GLU A 156 -7.98 -13.54 13.39
N TYR A 157 -6.66 -13.62 13.20
CA TYR A 157 -5.94 -12.49 12.58
C TYR A 157 -6.15 -12.46 11.09
N CYS A 158 -6.26 -13.64 10.48
CA CYS A 158 -6.34 -13.72 9.03
C CYS A 158 -7.78 -13.64 8.51
N CYS A 159 -8.73 -13.71 9.45
CA CYS A 159 -10.16 -13.69 9.18
CA CYS A 159 -10.16 -13.68 9.17
C CYS A 159 -10.58 -14.78 8.21
N THR A 160 -9.93 -15.92 8.37
CA THR A 160 -10.04 -17.04 7.44
C THR A 160 -11.46 -17.45 7.15
N THR A 161 -12.28 -17.48 8.20
CA THR A 161 -13.66 -17.93 8.04
C THR A 161 -14.62 -16.82 7.66
N GLY A 162 -14.13 -15.58 7.57
CA GLY A 162 -15.00 -14.45 7.27
C GLY A 162 -15.66 -13.94 8.53
N LYS A 163 -15.29 -14.53 9.65
CA LYS A 163 -15.71 -14.09 10.96
C LYS A 163 -14.43 -13.83 11.75
N CYS A 164 -14.25 -12.59 12.18
CA CYS A 164 -13.16 -12.22 13.06
C CYS A 164 -13.53 -10.87 13.65
N GLY A 165 -12.92 -10.56 14.79
CA GLY A 165 -13.05 -9.23 15.37
C GLY A 165 -11.74 -8.45 15.35
N PRO A 166 -11.78 -7.23 15.83
CA PRO A 166 -10.58 -6.44 16.04
C PRO A 166 -9.76 -7.10 17.14
N THR A 167 -8.48 -6.78 17.16
CA THR A 167 -7.55 -7.42 18.07
C THR A 167 -6.64 -6.35 18.65
N GLU A 168 -5.81 -6.71 19.62
CA GLU A 168 -4.87 -5.74 20.16
CA GLU A 168 -4.86 -5.75 20.16
C GLU A 168 -3.97 -5.23 19.05
N TYR A 169 -3.57 -6.13 18.16
CA TYR A 169 -2.69 -5.72 17.05
C TYR A 169 -3.42 -4.84 16.04
N SER A 170 -4.62 -5.21 15.62
CA SER A 170 -5.35 -4.36 14.66
C SER A 170 -5.59 -2.97 15.25
N ARG A 171 -5.89 -2.92 16.55
CA ARG A 171 -6.20 -1.64 17.19
C ARG A 171 -5.00 -0.72 17.21
N PHE A 172 -3.79 -1.28 17.27
CA PHE A 172 -2.57 -0.46 17.15
C PHE A 172 -2.55 0.23 15.79
N PHE A 173 -2.73 -0.53 14.70
CA PHE A 173 -2.71 0.11 13.37
C PHE A 173 -3.83 1.14 13.28
N LYS A 174 -4.99 0.82 13.85
CA LYS A 174 -6.13 1.71 13.76
C LYS A 174 -5.96 2.98 14.56
N ARG A 175 -5.27 2.85 15.69
CA ARG A 175 -4.99 4.01 16.54
C ARG A 175 -4.06 4.96 15.82
N LEU A 176 -3.01 4.40 15.21
CA LEU A 176 -2.02 5.22 14.49
C LEU A 176 -2.61 5.78 13.20
N CYS A 177 -3.43 4.98 12.52
CA CYS A 177 -4.01 5.36 11.25
C CYS A 177 -5.49 5.02 11.15
N PRO A 178 -6.35 5.89 11.70
CA PRO A 178 -7.76 5.64 11.67
C PRO A 178 -8.35 5.47 10.27
N ASP A 179 -7.72 6.09 9.28
CA ASP A 179 -8.32 6.13 7.95
CA ASP A 179 -8.26 6.17 7.94
C ASP A 179 -7.79 5.05 7.01
N ALA A 180 -7.17 4.01 7.59
CA ALA A 180 -6.71 2.83 6.85
C ALA A 180 -7.31 1.58 7.45
N PHE A 181 -7.53 0.59 6.59
CA PHE A 181 -7.98 -0.72 7.05
C PHE A 181 -6.94 -1.35 7.99
N SER A 182 -7.40 -1.81 9.15
CA SER A 182 -6.49 -2.41 10.14
C SER A 182 -6.64 -3.92 10.26
N TYR A 183 -7.75 -4.45 9.76
CA TYR A 183 -7.97 -5.88 9.67
C TYR A 183 -9.05 -6.13 8.62
N VAL A 184 -9.25 -7.40 8.26
CA VAL A 184 -10.07 -7.71 7.09
C VAL A 184 -11.49 -7.13 7.20
N LEU A 185 -12.11 -7.26 8.36
CA LEU A 185 -13.50 -6.81 8.54
C LEU A 185 -13.60 -5.49 9.27
N ASP A 186 -12.55 -4.67 9.17
CA ASP A 186 -12.61 -3.31 9.71
C ASP A 186 -13.79 -2.54 9.09
N LYS A 187 -14.34 -1.60 9.84
CA LYS A 187 -15.32 -0.67 9.28
C LYS A 187 -14.65 0.02 8.08
N PRO A 188 -15.24 -0.10 6.87
CA PRO A 188 -14.53 0.39 5.71
C PRO A 188 -14.23 1.88 5.72
N THR A 189 -13.04 2.20 5.25
CA THR A 189 -12.58 3.57 5.06
C THR A 189 -12.34 3.81 3.56
N THR A 190 -13.09 3.07 2.75
CA THR A 190 -13.04 3.25 1.30
C THR A 190 -13.77 4.50 0.89
N VAL A 191 -13.15 5.27 -0.01
CA VAL A 191 -13.71 6.50 -0.53
C VAL A 191 -14.21 6.26 -1.95
N THR A 192 -15.42 6.76 -2.21
CA THR A 192 -16.00 6.69 -3.54
C THR A 192 -15.64 7.97 -4.30
N CYS A 193 -15.00 7.78 -5.42
CA CYS A 193 -14.63 8.89 -6.31
C CYS A 193 -15.37 8.80 -7.62
N PRO A 194 -15.51 9.95 -8.34
CA PRO A 194 -16.08 9.85 -9.68
C PRO A 194 -15.35 8.80 -10.52
N GLY A 195 -16.07 8.09 -11.37
CA GLY A 195 -15.46 7.18 -12.29
C GLY A 195 -14.42 7.92 -13.14
N SER A 196 -13.29 7.24 -13.39
CA SER A 196 -12.20 7.78 -14.20
C SER A 196 -11.55 9.00 -13.58
N SER A 197 -11.47 9.01 -12.25
CA SER A 197 -10.65 10.02 -11.56
C SER A 197 -9.17 9.72 -11.79
N ASN A 198 -8.33 10.72 -11.54
CA ASN A 198 -6.87 10.55 -11.54
C ASN A 198 -6.38 10.82 -10.15
N TYR A 199 -5.18 10.34 -9.85
CA TYR A 199 -4.71 10.25 -8.47
C TYR A 199 -3.24 10.58 -8.32
N ARG A 200 -2.86 10.82 -7.06
CA ARG A 200 -1.48 10.98 -6.65
C ARG A 200 -1.26 10.15 -5.42
N VAL A 201 -0.24 9.32 -5.45
CA VAL A 201 0.20 8.58 -4.28
C VAL A 201 1.50 9.21 -3.83
N THR A 202 1.52 9.76 -2.61
CA THR A 202 2.71 10.42 -2.09
C THR A 202 3.28 9.61 -0.93
N PHE A 203 4.51 9.15 -1.05
CA PHE A 203 5.21 8.52 0.07
C PHE A 203 5.79 9.57 0.98
N CYS A 204 5.70 9.36 2.29
CA CYS A 204 6.17 10.32 3.30
C CYS A 204 5.55 11.71 3.09
N PRO A 205 4.22 11.78 3.09
CA PRO A 205 3.56 13.05 2.79
C PRO A 205 3.88 14.17 3.79
N THR A 206 4.19 13.82 5.02
CA THR A 206 4.49 14.85 6.03
C THR A 206 5.99 15.20 6.21
N ALA A 207 6.87 14.54 5.45
CA ALA A 207 8.32 14.64 5.69
C ALA A 207 9.10 13.92 4.59
#